data_4TXV
#
_entry.id   4TXV
#
_cell.length_a   74.830
_cell.length_b   81.640
_cell.length_c   109.370
_cell.angle_alpha   90.000
_cell.angle_beta   90.000
_cell.angle_gamma   90.000
#
_symmetry.space_group_name_H-M   'P 21 21 21'
#
loop_
_entity.id
_entity.type
_entity.pdbx_description
1 polymer 'Thiol:disulfide interchange protein TlpA'
2 polymer 'Cytochrome c oxidase subunit 2'
3 water water
#
loop_
_entity_poly.entity_id
_entity_poly.type
_entity_poly.pdbx_seq_one_letter_code
_entity_poly.pdbx_strand_id
1 'polypeptide(L)'
;APTGDPACRAAVATAQKIAPLAHGEVAALTMASAPLKLPDLAFEDADGKPKKLSDFRGKTLLVNLWATWCVPSRKEMPAL
DELQGKLSGPNFEVVAINIDTRDPEKPKTFLKEANLTRLGYFNDQKAKVFQDLKAIGRALGMPTSVLVDPQGCEIATIAG
PAEWASEDALKLIRAATGKAAAAL
;
A,C
2 'polypeptide(L)'
;GAFLELDVPKADLTIKATGKQWYWSYAYPDNGKFEFDSLMAQDKQPRLLGVDNEMVVPVNKVIRVQVTGADVIHAFALPA
FGVKIDAIPGRLNETWFKAAKTGMFYGQCSELSGKDHAFMPIAIRVVEDKEFASWVETAKKKFASGGTGTYASAAGPTQ
;
B,D
#
# COMPACT_ATOMS: atom_id res chain seq x y z
N GLY A 4 4.77 15.38 -29.42
CA GLY A 4 3.83 16.37 -28.80
C GLY A 4 2.49 16.49 -29.52
N ASP A 5 1.41 16.32 -28.78
CA ASP A 5 0.09 16.79 -29.18
C ASP A 5 -0.38 17.58 -27.94
N PRO A 6 -0.71 18.87 -28.14
CA PRO A 6 -1.04 19.76 -27.03
C PRO A 6 -2.21 19.25 -26.18
N ALA A 7 -3.11 18.49 -26.80
CA ALA A 7 -4.17 17.82 -26.02
C ALA A 7 -3.62 16.85 -24.94
N CYS A 8 -2.32 16.48 -25.02
CA CYS A 8 -1.80 15.44 -24.15
C CYS A 8 -1.02 15.94 -22.94
N ARG A 9 -1.11 17.22 -22.64
CA ARG A 9 -0.33 17.78 -21.57
C ARG A 9 -0.93 17.48 -20.22
N ALA A 10 -2.25 17.46 -20.17
CA ALA A 10 -2.93 17.16 -18.97
C ALA A 10 -2.54 15.73 -18.48
N ALA A 11 -2.42 14.82 -19.43
CA ALA A 11 -1.91 13.47 -19.12
C ALA A 11 -0.50 13.53 -18.51
N VAL A 12 0.36 14.40 -19.03
CA VAL A 12 1.69 14.58 -18.42
C VAL A 12 1.61 15.11 -17.03
N ALA A 13 0.72 16.08 -16.82
CA ALA A 13 0.50 16.67 -15.50
C ALA A 13 -0.02 15.62 -14.49
N THR A 14 -0.89 14.73 -14.92
CA THR A 14 -1.29 13.61 -14.09
C THR A 14 -0.14 12.69 -13.75
N ALA A 15 0.66 12.33 -14.75
CA ALA A 15 1.82 11.47 -14.52
C ALA A 15 2.77 12.07 -13.49
N GLN A 16 2.97 13.39 -13.55
CA GLN A 16 3.87 14.02 -12.56
C GLN A 16 3.29 13.98 -11.21
N LYS A 17 2.01 14.28 -11.14
CA LYS A 17 1.31 14.24 -9.89
C LYS A 17 1.29 12.83 -9.24
N ILE A 18 1.03 11.81 -10.03
CA ILE A 18 0.94 10.49 -9.41
C ILE A 18 2.29 9.75 -9.34
N ALA A 19 3.37 10.34 -9.86
CA ALA A 19 4.69 9.65 -9.86
C ALA A 19 5.10 9.07 -8.54
N PRO A 20 4.90 9.77 -7.44
CA PRO A 20 5.32 9.18 -6.16
C PRO A 20 4.56 7.93 -5.73
N LEU A 21 3.43 7.65 -6.37
CA LEU A 21 2.69 6.43 -6.06
C LEU A 21 3.14 5.26 -6.87
N ALA A 22 3.99 5.49 -7.85
CA ALA A 22 4.48 4.45 -8.75
C ALA A 22 5.62 3.72 -8.07
N HIS A 23 5.30 2.94 -7.06
CA HIS A 23 6.34 2.28 -6.31
C HIS A 23 5.75 0.96 -5.81
N GLY A 24 6.56 0.22 -5.02
CA GLY A 24 6.11 -1.08 -4.51
C GLY A 24 5.79 -1.99 -5.66
N GLU A 25 4.62 -2.60 -5.61
CA GLU A 25 4.27 -3.63 -6.62
C GLU A 25 4.19 -3.01 -8.05
N VAL A 26 4.02 -1.67 -8.13
CA VAL A 26 3.95 -1.00 -9.41
C VAL A 26 5.15 -0.05 -9.70
N ALA A 27 6.32 -0.38 -9.13
CA ALA A 27 7.49 0.44 -9.24
C ALA A 27 8.00 0.58 -10.66
N ALA A 28 7.77 -0.43 -11.47
CA ALA A 28 8.29 -0.47 -12.85
C ALA A 28 7.49 0.41 -13.85
N LEU A 29 6.42 1.03 -13.41
CA LEU A 29 5.73 2.00 -14.24
C LEU A 29 6.66 3.13 -14.52
N THR A 30 6.71 3.51 -15.79
CA THR A 30 7.45 4.67 -16.20
C THR A 30 6.49 5.76 -16.63
N MET A 31 6.52 6.88 -15.88
CA MET A 31 5.62 8.03 -16.06
C MET A 31 5.90 8.72 -17.38
N ALA A 32 4.89 9.23 -18.06
CA ALA A 32 5.15 9.98 -19.27
C ALA A 32 5.76 11.33 -18.83
N SER A 33 6.78 11.76 -19.51
CA SER A 33 7.29 13.11 -19.24
C SER A 33 7.15 13.98 -20.50
N ALA A 34 6.52 13.45 -21.56
CA ALA A 34 6.18 14.24 -22.76
C ALA A 34 4.82 13.83 -23.32
N PRO A 35 4.08 14.77 -23.90
CA PRO A 35 2.74 14.44 -24.38
C PRO A 35 2.87 13.39 -25.48
N LEU A 36 2.12 12.29 -25.40
CA LEU A 36 2.15 11.26 -26.45
C LEU A 36 0.72 10.78 -26.63
N LYS A 37 0.21 10.90 -27.85
CA LYS A 37 -1.13 10.44 -28.21
C LYS A 37 -0.96 9.01 -28.70
N LEU A 38 -1.66 8.04 -28.13
CA LEU A 38 -1.40 6.67 -28.53
C LEU A 38 -1.97 6.39 -29.89
N PRO A 39 -1.40 5.48 -30.63
CA PRO A 39 -2.11 5.04 -31.82
C PRO A 39 -3.52 4.52 -31.49
N ASP A 40 -4.46 4.69 -32.43
CA ASP A 40 -5.85 4.24 -32.21
C ASP A 40 -5.90 2.76 -32.46
N LEU A 41 -5.54 1.99 -31.45
CA LEU A 41 -5.45 0.55 -31.60
C LEU A 41 -6.76 -0.04 -32.06
N ALA A 42 -6.67 -0.98 -32.99
CA ALA A 42 -7.84 -1.69 -33.53
C ALA A 42 -7.84 -3.10 -33.08
N PHE A 43 -9.01 -3.54 -32.61
CA PHE A 43 -9.14 -4.91 -32.10
C PHE A 43 -10.62 -5.33 -32.15
N GLU A 44 -10.92 -6.59 -31.84
CA GLU A 44 -12.31 -7.04 -31.79
C GLU A 44 -12.73 -7.28 -30.34
N ASP A 45 -14.04 -7.29 -30.12
CA ASP A 45 -14.59 -7.73 -28.86
C ASP A 45 -14.97 -9.24 -28.93
N ALA A 46 -15.61 -9.75 -27.87
CA ALA A 46 -15.87 -11.16 -27.72
C ALA A 46 -16.79 -11.70 -28.82
N ASP A 47 -17.63 -10.81 -29.31
CA ASP A 47 -18.52 -11.08 -30.43
C ASP A 47 -17.88 -10.85 -31.77
N GLY A 48 -16.57 -10.61 -31.86
CA GLY A 48 -15.95 -10.27 -33.11
C GLY A 48 -16.30 -8.92 -33.70
N LYS A 49 -17.04 -8.08 -33.00
CA LYS A 49 -17.28 -6.74 -33.46
C LYS A 49 -16.01 -5.85 -33.38
N PRO A 50 -15.77 -4.99 -34.40
CA PRO A 50 -14.58 -4.13 -34.45
C PRO A 50 -14.60 -2.97 -33.44
N LYS A 51 -13.50 -2.83 -32.71
CA LYS A 51 -13.36 -1.80 -31.68
C LYS A 51 -12.08 -1.05 -31.97
N LYS A 52 -12.03 0.14 -31.39
CA LYS A 52 -10.86 0.99 -31.43
C LYS A 52 -10.69 1.61 -30.07
N LEU A 53 -9.46 1.98 -29.73
CA LEU A 53 -9.17 2.71 -28.50
C LEU A 53 -10.00 3.95 -28.30
N SER A 54 -10.19 4.70 -29.36
CA SER A 54 -11.01 5.92 -29.30
C SER A 54 -12.47 5.68 -28.87
N ASP A 55 -12.99 4.47 -29.07
CA ASP A 55 -14.31 4.13 -28.58
C ASP A 55 -14.34 4.21 -27.04
N PHE A 56 -13.18 4.20 -26.41
CA PHE A 56 -13.14 4.28 -24.97
C PHE A 56 -12.81 5.70 -24.44
N ARG A 57 -12.83 6.71 -25.28
CA ARG A 57 -12.49 8.06 -24.78
C ARG A 57 -13.44 8.52 -23.70
N GLY A 58 -13.02 9.45 -22.86
CA GLY A 58 -13.82 9.83 -21.70
C GLY A 58 -13.49 9.13 -20.38
N LYS A 59 -12.77 8.03 -20.43
CA LYS A 59 -12.37 7.31 -19.20
C LYS A 59 -10.89 7.13 -19.20
N THR A 60 -10.34 6.98 -17.99
CA THR A 60 -8.95 6.56 -17.90
C THR A 60 -8.98 5.08 -18.16
N LEU A 61 -7.98 4.57 -18.85
CA LEU A 61 -7.92 3.15 -19.10
C LEU A 61 -6.62 2.52 -18.63
N LEU A 62 -6.63 1.24 -18.26
CA LEU A 62 -5.43 0.43 -18.31
C LEU A 62 -5.49 -0.53 -19.48
N VAL A 63 -4.68 -0.28 -20.50
CA VAL A 63 -4.62 -1.10 -21.68
C VAL A 63 -3.51 -2.11 -21.48
N ASN A 64 -3.83 -3.37 -21.60
CA ASN A 64 -2.84 -4.44 -21.42
C ASN A 64 -2.81 -5.34 -22.65
N LEU A 65 -1.66 -5.86 -23.04
CA LEU A 65 -1.57 -6.81 -24.10
C LEU A 65 -1.13 -8.09 -23.43
N TRP A 66 -1.78 -9.20 -23.78
CA TRP A 66 -1.50 -10.48 -23.12
C TRP A 66 -1.62 -11.60 -24.15
N ALA A 67 -1.01 -12.71 -23.85
CA ALA A 67 -1.03 -13.84 -24.75
C ALA A 67 -0.88 -15.13 -23.97
N THR A 68 -1.44 -16.23 -24.46
CA THR A 68 -1.40 -17.50 -23.67
C THR A 68 -0.05 -18.08 -23.71
N TRP A 69 0.81 -17.65 -24.65
CA TRP A 69 2.15 -18.22 -24.72
C TRP A 69 3.11 -17.51 -23.80
N CYS A 70 2.70 -16.39 -23.19
CA CYS A 70 3.56 -15.63 -22.27
C CYS A 70 3.14 -15.84 -20.83
N VAL A 71 3.96 -16.51 -20.07
CA VAL A 71 3.61 -16.88 -18.73
C VAL A 71 3.30 -15.70 -17.77
N PRO A 72 4.21 -14.70 -17.66
CA PRO A 72 3.87 -13.55 -16.80
C PRO A 72 2.59 -12.82 -17.23
N SER A 73 2.30 -12.76 -18.53
CA SER A 73 1.07 -12.13 -18.97
C SER A 73 -0.17 -12.96 -18.59
N ARG A 74 -0.06 -14.29 -18.63
CA ARG A 74 -1.14 -15.15 -18.11
C ARG A 74 -1.37 -14.96 -16.63
N LYS A 75 -0.27 -14.97 -15.89
CA LYS A 75 -0.31 -14.89 -14.44
C LYS A 75 -0.96 -13.67 -13.85
N GLU A 76 -0.80 -12.53 -14.48
CA GLU A 76 -1.34 -11.29 -13.90
C GLU A 76 -2.78 -11.14 -14.33
N MET A 77 -3.31 -12.03 -15.16
CA MET A 77 -4.70 -11.79 -15.63
C MET A 77 -5.70 -11.78 -14.50
N PRO A 78 -5.55 -12.65 -13.48
CA PRO A 78 -6.56 -12.50 -12.43
C PRO A 78 -6.47 -11.18 -11.68
N ALA A 79 -5.29 -10.56 -11.57
CA ALA A 79 -5.17 -9.24 -10.95
C ALA A 79 -5.88 -8.18 -11.76
N LEU A 80 -5.73 -8.23 -13.06
CA LEU A 80 -6.41 -7.24 -13.91
C LEU A 80 -7.93 -7.38 -13.82
N ASP A 81 -8.44 -8.61 -13.79
CA ASP A 81 -9.86 -8.88 -13.58
C ASP A 81 -10.34 -8.38 -12.21
N GLU A 82 -9.57 -8.59 -11.14
CA GLU A 82 -9.91 -8.06 -9.83
C GLU A 82 -9.85 -6.50 -9.83
N LEU A 83 -8.83 -5.95 -10.45
CA LEU A 83 -8.79 -4.48 -10.61
C LEU A 83 -10.03 -3.90 -11.35
N GLN A 84 -10.43 -4.53 -12.43
CA GLN A 84 -11.69 -4.14 -13.08
C GLN A 84 -12.85 -4.19 -12.11
N GLY A 85 -12.93 -5.26 -11.34
CA GLY A 85 -13.99 -5.43 -10.34
C GLY A 85 -13.99 -4.32 -9.32
N LYS A 86 -12.82 -3.91 -8.84
CA LYS A 86 -12.83 -2.91 -7.82
C LYS A 86 -13.04 -1.52 -8.31
N LEU A 87 -12.46 -1.15 -9.47
CA LEU A 87 -12.36 0.23 -9.87
C LEU A 87 -13.11 0.63 -11.12
N SER A 88 -13.62 -0.30 -11.93
CA SER A 88 -14.23 0.10 -13.18
C SER A 88 -15.47 0.92 -12.82
N GLY A 89 -15.82 1.81 -13.73
CA GLY A 89 -16.97 2.65 -13.56
C GLY A 89 -16.95 3.78 -14.57
N PRO A 90 -17.71 4.86 -14.31
CA PRO A 90 -17.75 6.03 -15.18
C PRO A 90 -16.38 6.58 -15.60
N ASN A 91 -15.38 6.48 -14.73
CA ASN A 91 -14.09 7.06 -15.00
C ASN A 91 -12.88 6.14 -15.29
N PHE A 92 -13.08 4.82 -15.20
CA PHE A 92 -12.01 3.87 -15.40
C PHE A 92 -12.49 2.56 -15.97
N GLU A 93 -11.63 1.98 -16.79
CA GLU A 93 -11.82 0.63 -17.33
C GLU A 93 -10.51 -0.04 -17.68
N VAL A 94 -10.45 -1.34 -17.45
CA VAL A 94 -9.36 -2.15 -17.92
C VAL A 94 -9.70 -2.67 -19.33
N VAL A 95 -8.80 -2.48 -20.28
CA VAL A 95 -8.96 -3.03 -21.62
C VAL A 95 -7.82 -3.96 -21.88
N ALA A 96 -8.02 -5.27 -21.63
CA ALA A 96 -7.01 -6.24 -21.89
C ALA A 96 -7.25 -6.89 -23.25
N ILE A 97 -6.23 -6.82 -24.11
CA ILE A 97 -6.32 -7.33 -25.46
C ILE A 97 -5.45 -8.52 -25.63
N ASN A 98 -6.09 -9.66 -25.91
CA ASN A 98 -5.34 -10.86 -26.24
C ASN A 98 -4.73 -10.68 -27.65
N ILE A 99 -3.48 -11.12 -27.82
CA ILE A 99 -2.84 -11.04 -29.15
C ILE A 99 -2.34 -12.41 -29.67
N ASP A 100 -2.92 -13.52 -29.19
CA ASP A 100 -2.54 -14.80 -29.75
C ASP A 100 -2.83 -14.76 -31.24
N THR A 101 -1.98 -15.37 -32.01
CA THR A 101 -2.25 -15.41 -33.46
C THR A 101 -2.60 -16.77 -34.01
N ARG A 102 -2.55 -17.85 -33.23
CA ARG A 102 -3.14 -19.12 -33.65
C ARG A 102 -4.11 -19.65 -32.59
N ASP A 103 -5.10 -20.42 -33.03
CA ASP A 103 -6.07 -21.11 -32.14
C ASP A 103 -6.97 -20.18 -31.40
N PRO A 104 -7.77 -19.39 -32.12
CA PRO A 104 -8.64 -18.37 -31.55
C PRO A 104 -9.34 -18.72 -30.27
N GLU A 105 -9.44 -20.01 -29.96
CA GLU A 105 -10.26 -20.42 -28.84
C GLU A 105 -9.44 -20.68 -27.58
N LYS A 106 -8.15 -20.84 -27.71
CA LYS A 106 -7.35 -21.16 -26.52
C LYS A 106 -7.39 -20.02 -25.46
N PRO A 107 -7.39 -18.74 -25.93
CA PRO A 107 -7.46 -17.65 -24.95
C PRO A 107 -8.78 -17.63 -24.19
N LYS A 108 -9.90 -17.88 -24.86
CA LYS A 108 -11.20 -17.88 -24.18
C LYS A 108 -11.28 -18.99 -23.13
N THR A 109 -10.67 -20.10 -23.48
CA THR A 109 -10.59 -21.24 -22.60
C THR A 109 -9.77 -20.94 -21.39
N PHE A 110 -8.69 -20.19 -21.59
CA PHE A 110 -7.87 -19.76 -20.50
C PHE A 110 -8.69 -18.93 -19.55
N LEU A 111 -9.41 -17.94 -20.05
CA LEU A 111 -10.19 -17.08 -19.18
C LEU A 111 -11.31 -17.83 -18.50
N LYS A 112 -11.98 -18.73 -19.23
CA LYS A 112 -13.08 -19.52 -18.65
C LYS A 112 -12.53 -20.42 -17.52
N GLU A 113 -11.43 -21.10 -17.77
CA GLU A 113 -10.87 -21.97 -16.73
C GLU A 113 -10.34 -21.21 -15.53
N ALA A 114 -9.81 -20.01 -15.74
CA ALA A 114 -9.45 -19.19 -14.58
C ALA A 114 -10.64 -18.52 -13.94
N ASN A 115 -11.82 -18.66 -14.55
CA ASN A 115 -13.05 -18.03 -14.09
C ASN A 115 -12.97 -16.50 -14.02
N LEU A 116 -12.40 -15.89 -15.06
CA LEU A 116 -12.26 -14.45 -15.15
C LEU A 116 -13.32 -13.97 -16.10
N THR A 117 -14.33 -13.27 -15.58
CA THR A 117 -15.45 -12.85 -16.37
C THR A 117 -15.61 -11.37 -16.46
N ARG A 118 -14.74 -10.60 -15.84
CA ARG A 118 -14.97 -9.15 -15.86
C ARG A 118 -14.28 -8.38 -16.97
N LEU A 119 -13.38 -9.03 -17.71
CA LEU A 119 -12.59 -8.36 -18.70
C LEU A 119 -13.17 -8.49 -20.11
N GLY A 120 -14.31 -9.15 -20.28
CA GLY A 120 -14.78 -9.40 -21.66
C GLY A 120 -13.78 -10.30 -22.37
N TYR A 121 -13.61 -10.11 -23.67
CA TYR A 121 -12.63 -10.83 -24.44
C TYR A 121 -12.24 -9.99 -25.65
N PHE A 122 -11.48 -8.93 -25.41
CA PHE A 122 -10.90 -8.15 -26.49
C PHE A 122 -9.76 -8.95 -27.08
N ASN A 123 -9.64 -8.94 -28.40
CA ASN A 123 -8.59 -9.68 -29.09
C ASN A 123 -8.15 -9.06 -30.43
N ASP A 124 -6.87 -9.25 -30.77
CA ASP A 124 -6.28 -8.89 -32.08
C ASP A 124 -5.47 -10.04 -32.58
N GLN A 125 -6.11 -10.87 -33.41
CA GLN A 125 -5.49 -12.12 -33.90
C GLN A 125 -4.42 -11.86 -34.88
N LYS A 126 -4.29 -10.62 -35.29
CA LYS A 126 -3.08 -10.23 -36.04
C LYS A 126 -1.91 -9.76 -35.16
N ALA A 127 -2.16 -9.42 -33.90
CA ALA A 127 -1.13 -8.91 -33.00
C ALA A 127 -0.50 -7.66 -33.51
N LYS A 128 -1.26 -6.91 -34.30
CA LYS A 128 -0.83 -5.63 -34.82
C LYS A 128 -0.78 -4.54 -33.74
N VAL A 129 -1.66 -4.64 -32.76
CA VAL A 129 -1.60 -3.70 -31.67
C VAL A 129 -0.23 -3.72 -31.01
N PHE A 130 0.42 -4.88 -30.97
CA PHE A 130 1.77 -4.92 -30.41
C PHE A 130 2.76 -4.11 -31.27
N GLN A 131 2.68 -4.29 -32.59
CA GLN A 131 3.51 -3.56 -33.56
C GLN A 131 3.23 -2.07 -33.50
N ASP A 132 2.01 -1.68 -33.23
CA ASP A 132 1.65 -0.25 -33.14
C ASP A 132 2.30 0.43 -31.91
N LEU A 133 2.31 -0.27 -30.78
CA LEU A 133 2.91 0.27 -29.60
C LEU A 133 4.42 0.15 -29.73
N LYS A 134 4.90 -0.91 -30.39
CA LYS A 134 6.34 -1.05 -30.53
C LYS A 134 6.97 0.08 -31.33
N ALA A 135 6.20 0.61 -32.28
CA ALA A 135 6.65 1.66 -33.18
C ALA A 135 6.86 2.95 -32.44
N ILE A 136 6.02 3.24 -31.44
CA ILE A 136 6.19 4.44 -30.64
C ILE A 136 7.00 4.18 -29.41
N GLY A 137 7.84 3.15 -29.47
CA GLY A 137 8.70 2.77 -28.38
C GLY A 137 8.00 2.41 -27.12
N ARG A 138 6.84 1.75 -27.20
CA ARG A 138 6.09 1.35 -26.00
C ARG A 138 5.76 -0.16 -25.91
N ALA A 139 6.51 -0.99 -26.60
CA ALA A 139 6.35 -2.44 -26.52
C ALA A 139 7.67 -3.13 -26.79
N LEU A 140 8.32 -3.51 -25.72
CA LEU A 140 9.61 -4.22 -25.72
C LEU A 140 9.45 -5.68 -25.43
N GLY A 141 8.27 -6.12 -25.05
CA GLY A 141 8.12 -7.50 -24.66
C GLY A 141 6.71 -7.74 -24.21
N MET A 142 6.50 -8.90 -23.64
CA MET A 142 5.22 -9.18 -23.06
C MET A 142 5.27 -9.59 -21.60
N PRO A 143 4.25 -9.21 -20.83
CA PRO A 143 3.16 -8.32 -21.20
C PRO A 143 3.66 -6.87 -21.25
N THR A 144 2.83 -6.03 -21.84
CA THR A 144 2.96 -4.57 -21.76
C THR A 144 1.66 -4.01 -21.39
N SER A 145 1.65 -2.99 -20.53
CA SER A 145 0.46 -2.26 -20.18
C SER A 145 0.70 -0.77 -20.24
N VAL A 146 -0.34 -0.06 -20.65
CA VAL A 146 -0.30 1.37 -20.72
C VAL A 146 -1.50 1.98 -20.01
N LEU A 147 -1.19 2.95 -19.15
CA LEU A 147 -2.20 3.74 -18.49
C LEU A 147 -2.46 4.96 -19.35
N VAL A 148 -3.74 5.12 -19.70
CA VAL A 148 -4.16 6.03 -20.79
C VAL A 148 -5.18 6.98 -20.25
N ASP A 149 -5.03 8.25 -20.58
CA ASP A 149 -5.99 9.23 -20.08
C ASP A 149 -7.28 9.27 -20.94
N PRO A 150 -8.34 10.00 -20.47
CA PRO A 150 -9.65 10.13 -21.18
C PRO A 150 -9.57 10.66 -22.62
N GLN A 151 -8.41 11.22 -22.98
CA GLN A 151 -8.15 11.78 -24.32
C GLN A 151 -7.41 10.85 -25.18
N GLY A 152 -7.03 9.67 -24.68
CA GLY A 152 -6.20 8.75 -25.48
C GLY A 152 -4.67 8.95 -25.44
N CYS A 153 -4.22 9.64 -24.41
CA CYS A 153 -2.85 10.06 -24.16
C CYS A 153 -2.17 9.20 -23.10
N GLU A 154 -0.84 9.08 -23.21
CA GLU A 154 -0.07 8.29 -22.27
C GLU A 154 0.07 8.97 -20.94
N ILE A 155 -0.26 8.25 -19.87
CA ILE A 155 0.09 8.62 -18.52
C ILE A 155 1.38 7.89 -18.04
N ALA A 156 1.44 6.58 -18.29
CA ALA A 156 2.57 5.75 -17.89
C ALA A 156 2.54 4.47 -18.67
N THR A 157 3.69 3.78 -18.73
CA THR A 157 3.78 2.49 -19.35
C THR A 157 4.61 1.61 -18.48
N ILE A 158 4.22 0.33 -18.42
CA ILE A 158 5.02 -0.70 -17.76
C ILE A 158 5.36 -1.85 -18.71
N ALA A 159 6.66 -2.11 -18.83
CA ALA A 159 7.21 -3.19 -19.65
C ALA A 159 7.51 -4.37 -18.72
N GLY A 160 6.40 -5.00 -18.31
CA GLY A 160 6.44 -6.16 -17.41
C GLY A 160 5.11 -6.39 -16.77
N PRO A 161 4.99 -7.49 -16.01
CA PRO A 161 3.80 -7.76 -15.22
C PRO A 161 3.87 -7.07 -13.85
N ALA A 162 2.74 -6.96 -13.19
CA ALA A 162 2.64 -6.40 -11.88
C ALA A 162 1.40 -6.92 -11.20
N GLU A 163 1.43 -6.90 -9.87
CA GLU A 163 0.26 -7.18 -9.00
C GLU A 163 -0.71 -5.99 -9.05
N TRP A 164 -1.50 -6.00 -10.10
CA TRP A 164 -2.38 -4.90 -10.52
C TRP A 164 -3.62 -4.76 -9.64
N ALA A 165 -3.81 -5.68 -8.67
CA ALA A 165 -4.81 -5.46 -7.65
C ALA A 165 -4.26 -5.21 -6.27
N SER A 166 -2.97 -4.98 -6.17
CA SER A 166 -2.41 -4.66 -4.89
C SER A 166 -2.86 -3.30 -4.44
N GLU A 167 -2.71 -3.02 -3.16
CA GLU A 167 -2.95 -1.61 -2.70
C GLU A 167 -2.14 -0.55 -3.44
N ASP A 168 -0.89 -0.84 -3.71
CA ASP A 168 -0.06 0.09 -4.47
C ASP A 168 -0.74 0.40 -5.78
N ALA A 169 -1.18 -0.63 -6.51
CA ALA A 169 -1.81 -0.43 -7.81
C ALA A 169 -3.12 0.36 -7.68
N LEU A 170 -3.92 -0.03 -6.70
CA LEU A 170 -5.20 0.62 -6.51
C LEU A 170 -5.06 2.12 -6.19
N LYS A 171 -4.12 2.45 -5.33
CA LYS A 171 -3.92 3.82 -4.93
C LYS A 171 -3.48 4.65 -6.11
N LEU A 172 -2.57 4.09 -6.89
CA LEU A 172 -2.09 4.79 -8.09
C LEU A 172 -3.18 5.08 -9.09
N ILE A 173 -4.00 4.06 -9.40
CA ILE A 173 -5.10 4.24 -10.32
C ILE A 173 -6.13 5.24 -9.83
N ARG A 174 -6.45 5.19 -8.55
CA ARG A 174 -7.43 6.14 -8.02
C ARG A 174 -6.89 7.57 -8.10
N ALA A 175 -5.60 7.73 -7.83
CA ALA A 175 -4.99 9.03 -7.97
C ALA A 175 -5.09 9.46 -9.41
N ALA A 176 -4.87 8.54 -10.32
CA ALA A 176 -4.86 8.91 -11.74
C ALA A 176 -6.24 9.33 -12.28
N THR A 177 -7.29 8.88 -11.63
CA THR A 177 -8.65 8.90 -12.15
C THR A 177 -9.45 10.19 -11.75
N GLY A 178 -9.50 10.48 -10.47
CA GLY A 178 -10.68 11.15 -9.91
C GLY A 178 -10.48 11.38 -8.44
N PHE B 3 22.95 8.16 -15.26
CA PHE B 3 24.41 8.08 -15.61
C PHE B 3 24.71 9.04 -16.72
N LEU B 4 25.85 9.75 -16.61
CA LEU B 4 26.43 10.38 -17.79
C LEU B 4 27.16 9.29 -18.60
N GLU B 5 26.74 9.14 -19.84
CA GLU B 5 27.21 8.07 -20.71
C GLU B 5 28.70 8.09 -20.90
N LEU B 6 29.32 9.28 -20.89
CA LEU B 6 30.72 9.36 -21.06
C LEU B 6 31.51 9.00 -19.85
N ASP B 7 30.89 8.78 -18.71
CA ASP B 7 31.64 8.41 -17.51
C ASP B 7 31.75 6.91 -17.38
N VAL B 8 32.79 6.49 -16.69
CA VAL B 8 32.93 5.07 -16.28
C VAL B 8 32.11 4.91 -15.02
N PRO B 9 31.14 4.04 -15.01
CA PRO B 9 30.31 3.92 -13.80
C PRO B 9 31.10 3.23 -12.69
N LYS B 10 30.87 3.60 -11.45
CA LYS B 10 31.59 2.99 -10.36
C LYS B 10 30.58 2.37 -9.42
N ALA B 11 30.65 1.05 -9.31
CA ALA B 11 29.68 0.27 -8.57
C ALA B 11 29.75 0.47 -7.07
N ASP B 12 28.61 0.65 -6.45
CA ASP B 12 28.55 0.54 -5.01
C ASP B 12 28.45 -0.90 -4.61
N LEU B 13 27.85 -1.73 -5.47
CA LEU B 13 27.61 -3.10 -5.16
C LEU B 13 27.74 -3.88 -6.47
N THR B 14 28.29 -5.10 -6.39
CA THR B 14 28.28 -6.04 -7.50
C THR B 14 27.44 -7.29 -7.23
N ILE B 15 26.64 -7.67 -8.23
CA ILE B 15 25.96 -8.95 -8.18
C ILE B 15 26.24 -9.72 -9.39
N LYS B 16 26.46 -11.02 -9.20
CA LYS B 16 26.71 -11.91 -10.33
C LYS B 16 25.52 -12.83 -10.63
N ALA B 17 24.95 -12.69 -11.81
CA ALA B 17 23.79 -13.48 -12.22
C ALA B 17 24.21 -14.58 -13.17
N THR B 18 23.93 -15.83 -12.82
CA THR B 18 24.25 -17.00 -13.66
C THR B 18 22.97 -17.59 -14.15
N GLY B 19 22.88 -17.67 -15.46
CA GLY B 19 21.69 -18.27 -16.03
C GLY B 19 21.88 -19.75 -16.42
N LYS B 20 20.86 -20.55 -16.20
CA LYS B 20 20.87 -21.96 -16.54
C LYS B 20 19.52 -22.32 -16.99
N GLN B 21 19.38 -23.46 -17.67
CA GLN B 21 18.06 -23.94 -18.01
C GLN B 21 17.42 -24.51 -16.73
N TRP B 22 16.37 -23.92 -16.19
CA TRP B 22 15.75 -22.67 -16.62
C TRP B 22 15.52 -21.77 -15.35
N TYR B 23 16.58 -21.19 -14.80
CA TYR B 23 16.45 -20.24 -13.69
C TYR B 23 17.68 -19.41 -13.60
N TRP B 24 17.62 -18.32 -12.81
CA TRP B 24 18.78 -17.50 -12.52
C TRP B 24 19.20 -17.81 -11.13
N SER B 25 20.49 -17.72 -10.92
CA SER B 25 21.09 -17.83 -9.61
C SER B 25 21.86 -16.52 -9.37
N TYR B 26 21.86 -15.99 -8.15
CA TYR B 26 22.50 -14.68 -7.88
C TYR B 26 23.50 -14.86 -6.79
N ALA B 27 24.70 -14.29 -6.98
CA ALA B 27 25.77 -14.32 -6.00
C ALA B 27 26.18 -12.90 -5.60
N TYR B 28 26.52 -12.69 -4.32
CA TYR B 28 26.84 -11.37 -3.78
C TYR B 28 28.27 -11.34 -3.24
N PRO B 29 29.24 -11.12 -4.14
CA PRO B 29 30.70 -11.15 -3.82
C PRO B 29 31.11 -10.09 -2.82
N ASP B 30 30.38 -8.98 -2.75
CA ASP B 30 30.75 -7.94 -1.84
C ASP B 30 30.11 -8.11 -0.49
N ASN B 31 29.17 -9.04 -0.33
CA ASN B 31 28.42 -9.11 0.92
C ASN B 31 28.46 -10.44 1.58
N GLY B 32 29.59 -11.12 1.44
CA GLY B 32 29.85 -12.41 2.06
C GLY B 32 29.87 -13.57 1.13
N LYS B 33 29.78 -13.30 -0.17
CA LYS B 33 29.85 -14.35 -1.15
C LYS B 33 28.73 -15.40 -1.16
N PHE B 34 27.63 -15.15 -0.49
CA PHE B 34 26.56 -16.13 -0.53
C PHE B 34 25.90 -16.14 -1.94
N GLU B 35 25.13 -17.17 -2.20
CA GLU B 35 24.52 -17.39 -3.48
C GLU B 35 23.19 -18.11 -3.28
N PHE B 36 22.28 -17.93 -4.20
CA PHE B 36 20.97 -18.55 -4.10
C PHE B 36 20.35 -18.64 -5.49
N ASP B 37 19.48 -19.62 -5.68
CA ASP B 37 18.69 -19.80 -6.88
C ASP B 37 17.35 -19.08 -6.74
N SER B 38 16.86 -18.61 -7.89
CA SER B 38 15.68 -17.82 -7.96
C SER B 38 14.73 -18.54 -8.87
N LEU B 39 13.79 -19.24 -8.28
CA LEU B 39 12.84 -20.03 -9.02
C LEU B 39 11.45 -19.47 -8.79
N MET B 40 10.60 -19.76 -9.73
CA MET B 40 9.25 -19.30 -9.76
C MET B 40 8.53 -19.84 -8.57
N ALA B 41 7.90 -18.97 -7.82
CA ALA B 41 7.37 -19.38 -6.56
C ALA B 41 6.10 -20.22 -6.83
N GLN B 42 5.69 -20.95 -5.80
CA GLN B 42 4.38 -21.60 -5.86
C GLN B 42 3.81 -21.89 -4.49
N ASP B 43 2.49 -22.06 -4.48
CA ASP B 43 1.72 -22.10 -3.25
C ASP B 43 2.05 -20.92 -2.35
N LYS B 44 2.04 -19.74 -2.97
CA LYS B 44 2.18 -18.47 -2.26
C LYS B 44 0.94 -17.63 -2.46
N GLN B 45 -0.18 -18.31 -2.60
CA GLN B 45 -1.47 -17.62 -2.68
C GLN B 45 -1.68 -16.73 -1.49
N PRO B 46 -2.30 -15.58 -1.69
CA PRO B 46 -2.90 -15.15 -2.93
C PRO B 46 -1.98 -14.30 -3.85
N ARG B 47 -0.68 -14.40 -3.72
CA ARG B 47 0.22 -13.88 -4.78
C ARG B 47 0.06 -14.51 -6.10
N LEU B 48 0.29 -13.75 -7.15
CA LEU B 48 0.14 -14.26 -8.51
C LEU B 48 1.48 -14.28 -9.25
N LEU B 49 2.38 -13.38 -8.86
CA LEU B 49 3.71 -13.27 -9.53
C LEU B 49 4.82 -13.59 -8.57
N GLY B 50 5.94 -14.05 -9.11
CA GLY B 50 7.21 -13.85 -8.44
C GLY B 50 7.95 -15.12 -8.19
N VAL B 51 8.99 -15.01 -7.40
CA VAL B 51 9.95 -16.07 -7.21
C VAL B 51 10.10 -16.29 -5.71
N ASP B 52 10.75 -17.39 -5.31
CA ASP B 52 11.07 -17.65 -3.91
C ASP B 52 12.10 -16.68 -3.35
N ASN B 53 13.19 -16.45 -4.12
CA ASN B 53 14.30 -15.58 -3.70
C ASN B 53 14.66 -14.52 -4.75
N GLU B 54 14.42 -13.27 -4.40
CA GLU B 54 14.52 -12.18 -5.32
C GLU B 54 15.93 -11.66 -5.34
N MET B 55 16.29 -11.03 -6.43
CA MET B 55 17.53 -10.28 -6.42
C MET B 55 17.32 -8.98 -5.67
N VAL B 56 17.80 -8.89 -4.46
CA VAL B 56 17.63 -7.64 -3.74
C VAL B 56 18.78 -6.63 -3.80
N VAL B 57 18.39 -5.33 -3.98
CA VAL B 57 19.32 -4.23 -4.07
C VAL B 57 18.88 -2.97 -3.34
N PRO B 58 19.84 -2.12 -2.90
CA PRO B 58 19.52 -0.84 -2.33
C PRO B 58 19.18 0.20 -3.42
N VAL B 59 18.23 1.07 -3.10
CA VAL B 59 17.77 2.13 -4.04
C VAL B 59 18.87 3.16 -4.12
N ASN B 60 18.94 3.91 -5.20
CA ASN B 60 19.89 4.97 -5.38
C ASN B 60 21.36 4.61 -5.24
N LYS B 61 21.74 3.43 -5.68
CA LYS B 61 23.11 3.01 -5.66
C LYS B 61 23.41 2.40 -7.01
N VAL B 62 24.67 2.51 -7.42
CA VAL B 62 25.11 2.02 -8.63
C VAL B 62 25.35 0.53 -8.44
N ILE B 63 24.59 -0.27 -9.17
CA ILE B 63 24.72 -1.73 -9.09
C ILE B 63 25.45 -2.25 -10.33
N ARG B 64 26.57 -2.92 -10.13
CA ARG B 64 27.10 -3.69 -11.25
C ARG B 64 26.55 -5.11 -11.30
N VAL B 65 26.05 -5.50 -12.46
CA VAL B 65 25.55 -6.82 -12.67
C VAL B 65 26.47 -7.52 -13.65
N GLN B 66 27.19 -8.54 -13.18
CA GLN B 66 27.99 -9.42 -14.04
C GLN B 66 27.17 -10.63 -14.32
N VAL B 67 27.04 -11.01 -15.58
CA VAL B 67 26.24 -12.17 -16.00
C VAL B 67 27.06 -13.19 -16.77
N THR B 68 26.74 -14.47 -16.59
CA THR B 68 27.33 -15.58 -17.35
C THR B 68 26.31 -16.66 -17.45
N GLY B 69 26.49 -17.51 -18.45
CA GLY B 69 25.61 -18.63 -18.72
C GLY B 69 26.28 -19.92 -18.33
N ALA B 70 25.52 -20.85 -17.76
CA ALA B 70 26.10 -22.06 -17.22
C ALA B 70 26.23 -23.03 -18.37
N ASP B 71 25.23 -23.05 -19.23
CA ASP B 71 25.08 -24.08 -20.21
C ASP B 71 24.99 -23.49 -21.60
N VAL B 72 23.99 -22.66 -21.85
CA VAL B 72 23.75 -22.01 -23.13
C VAL B 72 23.67 -20.49 -22.88
N ILE B 73 23.45 -19.69 -23.92
CA ILE B 73 23.29 -18.25 -23.79
C ILE B 73 21.85 -17.97 -23.31
N HIS B 74 21.70 -17.15 -22.25
CA HIS B 74 20.37 -16.60 -21.83
C HIS B 74 20.42 -15.03 -21.77
N ALA B 75 19.32 -14.37 -22.10
CA ALA B 75 19.27 -12.93 -22.03
C ALA B 75 18.80 -12.45 -20.66
N PHE B 76 19.53 -11.51 -20.06
CA PHE B 76 19.13 -10.91 -18.82
C PHE B 76 18.65 -9.46 -19.12
N ALA B 77 17.36 -9.20 -18.99
CA ALA B 77 16.78 -7.93 -19.36
C ALA B 77 15.76 -7.40 -18.36
N LEU B 78 15.82 -6.10 -18.08
CA LEU B 78 14.90 -5.45 -17.19
C LEU B 78 14.77 -4.02 -17.71
N PRO B 79 13.75 -3.81 -18.57
CA PRO B 79 13.55 -2.52 -19.20
C PRO B 79 13.51 -1.32 -18.29
N ALA B 80 12.83 -1.36 -17.14
CA ALA B 80 12.86 -0.21 -16.25
C ALA B 80 14.22 0.24 -15.84
N PHE B 81 15.23 -0.62 -15.89
CA PHE B 81 16.57 -0.19 -15.50
C PHE B 81 17.47 -0.02 -16.66
N GLY B 82 16.95 -0.15 -17.87
CA GLY B 82 17.74 -0.05 -19.09
C GLY B 82 18.67 -1.25 -19.28
N VAL B 83 18.39 -2.42 -18.68
CA VAL B 83 19.35 -3.53 -18.70
C VAL B 83 18.93 -4.50 -19.79
N LYS B 84 19.87 -4.85 -20.66
CA LYS B 84 19.66 -5.86 -21.70
C LYS B 84 20.98 -6.45 -22.09
N ILE B 85 21.34 -7.57 -21.51
CA ILE B 85 22.70 -8.08 -21.66
C ILE B 85 22.65 -9.62 -21.77
N ASP B 86 23.53 -10.21 -22.55
CA ASP B 86 23.60 -11.69 -22.71
C ASP B 86 24.54 -12.36 -21.77
N ALA B 87 24.05 -13.47 -21.25
CA ALA B 87 24.77 -14.30 -20.31
C ALA B 87 25.29 -15.46 -21.13
N ILE B 88 26.60 -15.43 -21.42
CA ILE B 88 27.30 -16.32 -22.39
C ILE B 88 28.26 -17.19 -21.58
N PRO B 89 28.13 -18.51 -21.70
CA PRO B 89 29.08 -19.48 -21.10
C PRO B 89 30.54 -19.15 -21.40
N GLY B 90 31.43 -19.22 -20.41
CA GLY B 90 32.82 -18.94 -20.61
C GLY B 90 33.22 -17.45 -20.60
N ARG B 91 32.24 -16.58 -20.42
CA ARG B 91 32.43 -15.14 -20.56
C ARG B 91 31.70 -14.45 -19.40
N LEU B 92 32.34 -13.42 -18.84
CA LEU B 92 31.72 -12.58 -17.85
C LEU B 92 31.41 -11.21 -18.39
N ASN B 93 30.18 -11.02 -18.81
CA ASN B 93 29.70 -9.73 -19.30
C ASN B 93 29.15 -8.87 -18.17
N GLU B 94 29.31 -7.54 -18.27
CA GLU B 94 28.79 -6.66 -17.25
C GLU B 94 28.14 -5.40 -17.77
N THR B 95 27.20 -4.93 -16.96
CA THR B 95 26.71 -3.60 -17.07
C THR B 95 26.38 -3.05 -15.65
N TRP B 96 25.87 -1.83 -15.59
CA TRP B 96 25.59 -1.13 -14.34
C TRP B 96 24.20 -0.48 -14.41
N PHE B 97 23.45 -0.46 -13.33
CA PHE B 97 22.20 0.32 -13.32
C PHE B 97 22.05 0.95 -11.95
N LYS B 98 21.10 1.85 -11.87
CA LYS B 98 20.76 2.52 -10.62
C LYS B 98 19.24 2.61 -10.47
N ALA B 99 18.66 2.07 -9.39
CA ALA B 99 17.19 2.18 -9.17
C ALA B 99 16.86 3.50 -8.53
N ALA B 100 15.88 4.23 -9.03
CA ALA B 100 15.44 5.45 -8.37
C ALA B 100 14.21 5.24 -7.49
N LYS B 101 13.51 4.11 -7.61
CA LYS B 101 12.32 3.85 -6.79
C LYS B 101 12.41 2.50 -6.17
N THR B 102 11.79 2.36 -4.99
CA THR B 102 11.68 1.08 -4.26
C THR B 102 10.45 0.30 -4.69
N GLY B 103 10.54 -1.02 -4.59
CA GLY B 103 9.48 -1.93 -4.98
C GLY B 103 10.00 -3.14 -5.75
N MET B 104 9.11 -3.74 -6.49
CA MET B 104 9.34 -4.94 -7.27
C MET B 104 9.41 -4.66 -8.75
N PHE B 105 10.35 -5.35 -9.37
CA PHE B 105 10.57 -5.25 -10.84
C PHE B 105 10.68 -6.64 -11.45
N TYR B 106 9.73 -6.96 -12.34
CA TYR B 106 9.70 -8.22 -13.01
C TYR B 106 10.02 -8.11 -14.50
N GLY B 107 10.69 -9.13 -15.00
CA GLY B 107 11.03 -9.15 -16.45
C GLY B 107 9.89 -9.56 -17.37
N GLN B 108 10.17 -9.52 -18.68
CA GLN B 108 9.22 -9.84 -19.71
C GLN B 108 9.56 -11.11 -20.45
N CYS B 109 8.58 -11.73 -21.13
CA CYS B 109 8.94 -12.60 -22.26
C CYS B 109 9.34 -11.74 -23.47
N SER B 110 10.20 -12.27 -24.33
CA SER B 110 10.54 -11.53 -25.54
C SER B 110 9.30 -11.54 -26.43
N GLU B 111 9.26 -10.66 -27.40
CA GLU B 111 8.07 -10.56 -28.24
C GLU B 111 7.87 -11.82 -29.12
N LEU B 112 8.98 -12.51 -29.46
CA LEU B 112 8.93 -13.86 -30.08
C LEU B 112 8.18 -14.87 -29.17
N SER B 113 7.16 -15.56 -29.67
CA SER B 113 6.70 -16.73 -28.91
C SER B 113 7.88 -17.71 -28.66
N GLY B 114 8.06 -18.13 -27.42
CA GLY B 114 9.16 -19.02 -27.06
C GLY B 114 8.60 -20.24 -26.38
N LYS B 115 9.45 -21.23 -26.15
CA LYS B 115 8.96 -22.56 -25.77
C LYS B 115 9.24 -23.06 -24.33
N ASP B 116 8.18 -23.59 -23.73
CA ASP B 116 8.18 -24.93 -23.05
C ASP B 116 9.01 -25.12 -21.80
N HIS B 117 8.46 -24.66 -20.67
CA HIS B 117 9.14 -24.63 -19.35
C HIS B 117 10.34 -23.70 -19.35
N ALA B 118 10.63 -23.06 -20.51
CA ALA B 118 11.83 -22.24 -20.66
C ALA B 118 11.70 -20.79 -20.11
N PHE B 119 10.54 -20.39 -19.55
CA PHE B 119 10.48 -19.02 -18.94
C PHE B 119 11.32 -18.92 -17.66
N MET B 120 12.28 -18.01 -17.63
CA MET B 120 13.16 -17.80 -16.47
C MET B 120 12.85 -16.46 -15.84
N PRO B 121 12.09 -16.43 -14.77
CA PRO B 121 11.71 -15.11 -14.24
C PRO B 121 12.88 -14.37 -13.61
N ILE B 122 12.89 -13.07 -13.90
CA ILE B 122 13.74 -12.10 -13.25
C ILE B 122 12.92 -11.26 -12.30
N ALA B 123 13.36 -11.23 -11.03
CA ALA B 123 12.68 -10.51 -10.01
C ALA B 123 13.66 -9.74 -9.17
N ILE B 124 13.59 -8.44 -9.35
CA ILE B 124 14.42 -7.54 -8.55
C ILE B 124 13.59 -6.68 -7.59
N ARG B 125 14.04 -6.67 -6.35
CA ARG B 125 13.42 -6.00 -5.26
C ARG B 125 14.31 -4.91 -4.75
N VAL B 126 13.83 -3.68 -4.89
CA VAL B 126 14.61 -2.52 -4.52
C VAL B 126 14.13 -2.03 -3.17
N VAL B 127 15.05 -1.91 -2.19
CA VAL B 127 14.74 -1.51 -0.85
C VAL B 127 15.63 -0.37 -0.36
N GLU B 128 15.25 0.25 0.74
CA GLU B 128 16.07 1.29 1.30
C GLU B 128 17.37 0.74 1.98
N ASP B 129 18.28 1.65 2.33
CA ASP B 129 19.57 1.29 2.93
C ASP B 129 19.44 0.40 4.17
N LYS B 130 18.62 0.78 5.14
CA LYS B 130 18.55 -0.03 6.35
C LYS B 130 18.03 -1.40 6.08
N GLU B 131 17.00 -1.44 5.25
CA GLU B 131 16.38 -2.69 4.82
C GLU B 131 17.33 -3.57 4.07
N PHE B 132 18.18 -2.98 3.22
CA PHE B 132 19.21 -3.78 2.54
C PHE B 132 20.26 -4.42 3.51
N ALA B 133 20.77 -3.60 4.43
CA ALA B 133 21.75 -4.06 5.44
C ALA B 133 21.17 -5.21 6.21
N SER B 134 19.90 -5.06 6.62
CA SER B 134 19.23 -6.11 7.37
C SER B 134 19.01 -7.34 6.53
N TRP B 135 18.53 -7.16 5.30
CA TRP B 135 18.38 -8.28 4.42
C TRP B 135 19.69 -9.06 4.21
N VAL B 136 20.78 -8.35 3.98
CA VAL B 136 22.10 -8.96 3.89
C VAL B 136 22.46 -9.87 5.10
N GLU B 137 22.21 -9.39 6.28
CA GLU B 137 22.61 -10.11 7.50
C GLU B 137 21.88 -11.43 7.56
N THR B 138 20.61 -11.38 7.24
CA THR B 138 19.78 -12.57 7.21
C THR B 138 20.18 -13.49 6.07
N ALA B 139 20.44 -12.94 4.90
CA ALA B 139 20.82 -13.74 3.75
C ALA B 139 22.16 -14.50 3.97
N LYS B 140 23.12 -13.86 4.65
CA LYS B 140 24.38 -14.49 5.01
C LYS B 140 24.13 -15.77 5.73
N LYS B 141 23.20 -15.78 6.66
CA LYS B 141 22.93 -17.04 7.37
C LYS B 141 22.07 -17.98 6.57
N LYS B 142 21.04 -17.46 5.96
CA LYS B 142 20.09 -18.30 5.24
C LYS B 142 20.71 -19.01 4.04
N PHE B 143 21.52 -18.32 3.25
CA PHE B 143 22.04 -18.94 2.03
C PHE B 143 23.48 -19.37 2.19
N ALA B 144 23.98 -19.49 3.43
CA ALA B 144 25.20 -20.29 3.69
C ALA B 144 24.81 -21.77 3.67
N THR C 3 2.76 28.85 5.37
CA THR C 3 2.61 28.83 6.86
C THR C 3 1.12 28.67 7.16
N GLY C 4 0.83 28.26 8.39
CA GLY C 4 -0.51 28.24 8.89
C GLY C 4 -1.09 29.57 9.34
N ASP C 5 -2.40 29.60 9.24
CA ASP C 5 -3.23 30.61 9.80
C ASP C 5 -2.75 30.92 11.23
N PRO C 6 -2.29 32.17 11.46
CA PRO C 6 -1.84 32.67 12.75
C PRO C 6 -2.94 32.68 13.82
N ALA C 7 -4.22 32.70 13.43
CA ALA C 7 -5.28 32.44 14.42
C ALA C 7 -5.14 31.06 15.10
N CYS C 8 -4.23 30.22 14.58
CA CYS C 8 -4.09 28.82 15.03
C CYS C 8 -2.88 28.66 15.96
N ARG C 9 -2.17 29.74 16.25
CA ARG C 9 -1.06 29.63 17.12
C ARG C 9 -1.46 29.17 18.52
N ALA C 10 -2.60 29.62 19.01
CA ALA C 10 -2.96 29.25 20.38
C ALA C 10 -3.14 27.72 20.50
N ALA C 11 -3.54 27.13 19.38
CA ALA C 11 -3.83 25.71 19.39
C ALA C 11 -2.53 24.90 19.51
N VAL C 12 -1.49 25.34 18.83
CA VAL C 12 -0.18 24.77 19.02
C VAL C 12 0.30 24.88 20.46
N ALA C 13 0.08 26.06 21.07
CA ALA C 13 0.51 26.21 22.46
C ALA C 13 -0.34 25.31 23.31
N THR C 14 -1.63 25.25 23.05
CA THR C 14 -2.44 24.23 23.73
C THR C 14 -1.86 22.78 23.57
N ALA C 15 -1.55 22.39 22.34
CA ALA C 15 -1.04 21.04 22.09
C ALA C 15 0.19 20.75 22.92
N GLN C 16 1.11 21.70 22.94
CA GLN C 16 2.36 21.52 23.70
C GLN C 16 2.08 21.45 25.18
N LYS C 17 1.18 22.25 25.66
CA LYS C 17 0.77 22.18 27.06
C LYS C 17 0.21 20.84 27.49
N ILE C 18 -0.74 20.28 26.71
CA ILE C 18 -1.37 18.98 27.06
C ILE C 18 -0.62 17.71 26.57
N ALA C 19 0.52 17.88 25.91
CA ALA C 19 1.23 16.77 25.30
C ALA C 19 1.48 15.71 26.33
N PRO C 20 1.82 16.11 27.55
CA PRO C 20 2.20 15.04 28.44
C PRO C 20 1.02 14.20 28.85
N LEU C 21 -0.19 14.67 28.64
CA LEU C 21 -1.37 13.91 29.02
C LEU C 21 -1.84 12.94 27.89
N ALA C 22 -1.21 12.98 26.74
CA ALA C 22 -1.65 12.15 25.60
C ALA C 22 -0.93 10.81 25.72
N HIS C 23 -1.33 10.01 26.69
CA HIS C 23 -0.68 8.74 26.94
C HIS C 23 -1.77 7.84 27.38
N GLY C 24 -1.43 6.63 27.79
CA GLY C 24 -2.45 5.61 28.12
C GLY C 24 -3.41 5.34 26.97
N GLU C 25 -4.72 5.36 27.26
CA GLU C 25 -5.72 5.09 26.26
C GLU C 25 -5.64 6.05 25.06
N VAL C 26 -5.10 7.26 25.23
CA VAL C 26 -5.04 8.25 24.14
C VAL C 26 -3.58 8.50 23.75
N ALA C 27 -2.73 7.51 23.96
CA ALA C 27 -1.33 7.64 23.58
C ALA C 27 -1.10 7.84 22.04
N ALA C 28 -1.98 7.33 21.19
CA ALA C 28 -1.82 7.50 19.72
C ALA C 28 -2.17 8.90 19.18
N LEU C 29 -2.63 9.82 20.02
CA LEU C 29 -2.74 11.21 19.59
C LEU C 29 -1.36 11.78 19.14
N THR C 30 -1.34 12.44 18.00
CA THR C 30 -0.19 13.19 17.55
C THR C 30 -0.52 14.69 17.67
N MET C 31 0.24 15.37 18.53
CA MET C 31 0.02 16.78 18.85
C MET C 31 0.40 17.66 17.64
N ALA C 32 -0.37 18.71 17.39
CA ALA C 32 -0.07 19.64 16.33
C ALA C 32 1.23 20.34 16.66
N SER C 33 2.14 20.44 15.69
CA SER C 33 3.44 21.08 15.88
C SER C 33 3.52 22.34 15.04
N ALA C 34 2.44 22.69 14.38
CA ALA C 34 2.36 23.87 13.55
C ALA C 34 0.94 24.28 13.47
N PRO C 35 0.67 25.53 13.11
CA PRO C 35 -0.68 26.03 13.11
C PRO C 35 -1.42 25.45 11.91
N LEU C 36 -2.63 24.91 12.12
CA LEU C 36 -3.40 24.32 11.04
C LEU C 36 -4.86 24.54 11.25
N LYS C 37 -5.39 25.27 10.30
CA LYS C 37 -6.74 25.59 10.28
C LYS C 37 -7.41 24.46 9.50
N LEU C 38 -8.34 23.76 10.09
CA LEU C 38 -8.94 22.64 9.39
C LEU C 38 -9.83 23.16 8.25
N PRO C 39 -10.04 22.35 7.22
CA PRO C 39 -11.04 22.74 6.24
C PRO C 39 -12.41 22.81 6.85
N ASP C 40 -13.24 23.68 6.28
CA ASP C 40 -14.55 23.89 6.83
C ASP C 40 -15.45 22.71 6.35
N LEU C 41 -15.37 21.59 7.04
CA LEU C 41 -16.04 20.39 6.62
C LEU C 41 -17.51 20.72 6.44
N ALA C 42 -18.13 20.19 5.38
CA ALA C 42 -19.59 20.31 5.21
C ALA C 42 -20.24 18.97 5.44
N PHE C 43 -21.38 18.97 6.13
CA PHE C 43 -22.14 17.76 6.45
C PHE C 43 -23.56 18.16 6.85
N GLU C 44 -24.45 17.20 7.06
CA GLU C 44 -25.82 17.47 7.49
C GLU C 44 -26.03 17.04 8.90
N ASP C 45 -27.08 17.57 9.54
CA ASP C 45 -27.48 17.17 10.91
C ASP C 45 -28.64 16.20 10.82
N ALA C 46 -29.09 15.66 11.95
CA ALA C 46 -30.15 14.67 11.94
C ALA C 46 -31.40 15.10 11.09
N ASP C 47 -31.67 16.39 10.99
CA ASP C 47 -32.85 16.87 10.24
C ASP C 47 -32.55 17.12 8.80
N GLY C 48 -31.36 16.75 8.36
CA GLY C 48 -30.92 17.09 7.04
C GLY C 48 -30.60 18.55 6.82
N LYS C 49 -30.39 19.34 7.86
CA LYS C 49 -29.93 20.71 7.63
C LYS C 49 -28.42 20.80 7.40
N PRO C 50 -27.97 21.58 6.37
CA PRO C 50 -26.53 21.79 6.09
C PRO C 50 -25.78 22.37 7.27
N LYS C 51 -24.63 21.78 7.59
CA LYS C 51 -23.77 22.20 8.67
C LYS C 51 -22.38 22.39 8.14
N LYS C 52 -21.67 23.29 8.80
CA LYS C 52 -20.27 23.51 8.58
C LYS C 52 -19.58 23.40 9.92
N LEU C 53 -18.32 22.99 9.88
CA LEU C 53 -17.52 22.96 11.08
C LEU C 53 -17.38 24.36 11.72
N SER C 54 -17.31 25.42 10.91
CA SER C 54 -17.32 26.80 11.43
C SER C 54 -18.56 27.16 12.22
N ASP C 55 -19.68 26.47 11.99
CA ASP C 55 -20.83 26.69 12.83
C ASP C 55 -20.49 26.37 14.26
N PHE C 56 -19.44 25.59 14.53
CA PHE C 56 -19.15 25.16 15.93
C PHE C 56 -18.01 25.94 16.59
N ARG C 57 -17.57 27.05 15.96
CA ARG C 57 -16.58 27.96 16.57
C ARG C 57 -16.96 28.29 17.99
N GLY C 58 -15.97 28.57 18.84
CA GLY C 58 -16.27 28.98 20.22
C GLY C 58 -16.21 27.83 21.21
N LYS C 59 -16.34 26.58 20.72
CA LYS C 59 -16.05 25.43 21.55
C LYS C 59 -14.87 24.61 21.05
N THR C 60 -14.28 23.89 21.99
CA THR C 60 -13.36 22.83 21.69
C THR C 60 -14.20 21.62 21.23
N LEU C 61 -13.77 20.99 20.15
CA LEU C 61 -14.50 19.85 19.53
C LEU C 61 -13.62 18.62 19.39
N LEU C 62 -14.23 17.45 19.53
CA LEU C 62 -13.60 16.21 19.03
C LEU C 62 -14.35 15.82 17.77
N VAL C 63 -13.73 16.07 16.62
CA VAL C 63 -14.32 15.74 15.37
C VAL C 63 -13.90 14.34 14.99
N ASN C 64 -14.89 13.49 14.76
CA ASN C 64 -14.70 12.06 14.47
C ASN C 64 -15.41 11.69 13.16
N LEU C 65 -14.73 10.90 12.36
CA LEU C 65 -15.29 10.27 11.15
C LEU C 65 -15.47 8.82 11.46
N TRP C 66 -16.73 8.32 11.33
CA TRP C 66 -17.09 6.94 11.66
C TRP C 66 -17.90 6.31 10.53
N ALA C 67 -17.92 4.99 10.53
CA ALA C 67 -18.73 4.28 9.54
C ALA C 67 -19.05 2.91 9.98
N THR C 68 -20.20 2.40 9.51
CA THR C 68 -20.66 1.09 10.01
C THR C 68 -19.85 -0.01 9.40
N TRP C 69 -19.14 0.26 8.31
CA TRP C 69 -18.39 -0.78 7.70
C TRP C 69 -17.07 -1.01 8.43
N CYS C 70 -16.67 -0.13 9.33
CA CYS C 70 -15.33 -0.20 9.96
C CYS C 70 -15.46 -0.70 11.38
N VAL C 71 -14.95 -1.88 11.65
CA VAL C 71 -15.13 -2.50 12.94
C VAL C 71 -14.64 -1.60 14.10
N PRO C 72 -13.40 -1.07 14.05
CA PRO C 72 -13.03 -0.26 15.23
C PRO C 72 -13.79 1.06 15.40
N SER C 73 -14.30 1.62 14.30
CA SER C 73 -15.12 2.80 14.36
C SER C 73 -16.44 2.44 15.08
N ARG C 74 -17.09 1.34 14.71
CA ARG C 74 -18.24 0.88 15.48
C ARG C 74 -17.96 0.72 16.97
N LYS C 75 -16.86 0.07 17.32
CA LYS C 75 -16.59 -0.21 18.70
C LYS C 75 -16.30 1.01 19.52
N GLU C 76 -15.84 2.11 18.91
CA GLU C 76 -15.59 3.29 19.71
C GLU C 76 -16.77 4.25 19.83
N MET C 77 -17.88 4.03 19.12
CA MET C 77 -18.99 5.01 19.21
C MET C 77 -19.61 5.12 20.60
N PRO C 78 -19.71 4.01 21.32
CA PRO C 78 -20.24 4.14 22.71
C PRO C 78 -19.36 4.99 23.57
N ALA C 79 -18.06 4.88 23.38
CA ALA C 79 -17.15 5.74 24.12
C ALA C 79 -17.35 7.20 23.74
N LEU C 80 -17.48 7.49 22.45
CA LEU C 80 -17.70 8.87 22.00
C LEU C 80 -19.00 9.42 22.60
N ASP C 81 -20.04 8.60 22.65
CA ASP C 81 -21.35 9.06 23.12
C ASP C 81 -21.21 9.34 24.64
N GLU C 82 -20.50 8.48 25.37
CA GLU C 82 -20.25 8.70 26.79
C GLU C 82 -19.38 9.89 27.04
N LEU C 83 -18.41 10.10 26.19
CA LEU C 83 -17.57 11.21 26.38
C LEU C 83 -18.42 12.47 26.33
N GLN C 84 -19.33 12.52 25.35
CA GLN C 84 -20.22 13.66 25.10
C GLN C 84 -21.06 13.99 26.36
N GLY C 85 -21.67 12.95 26.91
CA GLY C 85 -22.48 13.01 28.12
C GLY C 85 -21.69 13.59 29.27
N LYS C 86 -20.42 13.20 29.36
CA LYS C 86 -19.56 13.63 30.47
C LYS C 86 -19.08 15.04 30.38
N LEU C 87 -18.60 15.43 29.22
CA LEU C 87 -18.01 16.74 29.05
C LEU C 87 -18.72 17.67 28.08
N SER C 88 -19.81 17.26 27.49
CA SER C 88 -20.51 18.16 26.58
C SER C 88 -20.98 19.39 27.42
N GLY C 89 -20.70 20.59 26.94
CA GLY C 89 -21.23 21.79 27.58
C GLY C 89 -20.91 23.02 26.76
N PRO C 90 -21.03 24.21 27.39
CA PRO C 90 -20.76 25.40 26.58
C PRO C 90 -19.33 25.52 26.06
N ASN C 91 -18.40 24.68 26.51
CA ASN C 91 -16.99 24.71 26.02
C ASN C 91 -16.51 23.53 25.14
N PHE C 92 -17.32 22.48 25.08
CA PHE C 92 -16.94 21.27 24.41
C PHE C 92 -18.10 20.46 23.86
N GLU C 93 -17.82 19.83 22.73
CA GLU C 93 -18.79 18.98 22.01
C GLU C 93 -18.04 17.91 21.17
N VAL C 94 -18.58 16.71 21.10
CA VAL C 94 -18.14 15.71 20.16
C VAL C 94 -18.96 15.91 18.87
N VAL C 95 -18.27 15.98 17.73
CA VAL C 95 -18.92 16.04 16.49
C VAL C 95 -18.58 14.80 15.64
N ALA C 96 -19.41 13.78 15.78
CA ALA C 96 -19.28 12.54 15.07
C ALA C 96 -19.98 12.58 13.72
N ILE C 97 -19.20 12.51 12.63
CA ILE C 97 -19.74 12.60 11.29
C ILE C 97 -19.72 11.19 10.69
N ASN C 98 -20.89 10.63 10.48
CA ASN C 98 -21.02 9.39 9.73
C ASN C 98 -20.72 9.57 8.29
N ILE C 99 -19.87 8.70 7.75
CA ILE C 99 -19.56 8.77 6.32
C ILE C 99 -19.95 7.47 5.48
N ASP C 100 -20.90 6.66 5.93
CA ASP C 100 -21.43 5.56 5.10
C ASP C 100 -21.99 6.10 3.79
N THR C 101 -21.56 5.52 2.66
CA THR C 101 -21.98 5.93 1.34
C THR C 101 -22.94 4.89 0.76
N ARG C 102 -22.68 3.62 1.02
CA ARG C 102 -23.36 2.57 0.25
C ARG C 102 -24.74 2.16 0.80
N ASP C 103 -24.79 2.06 2.11
CA ASP C 103 -26.01 1.85 2.89
C ASP C 103 -26.29 3.03 3.88
N PRO C 104 -26.76 4.16 3.35
CA PRO C 104 -26.98 5.37 4.17
C PRO C 104 -27.99 5.25 5.32
N GLU C 105 -28.90 4.28 5.27
CA GLU C 105 -29.87 4.08 6.36
C GLU C 105 -29.31 3.29 7.56
N LYS C 106 -28.27 2.51 7.31
CA LYS C 106 -27.77 1.59 8.33
C LYS C 106 -27.20 2.26 9.58
N PRO C 107 -26.52 3.38 9.41
CA PRO C 107 -25.93 4.01 10.62
C PRO C 107 -26.97 4.40 11.66
N LYS C 108 -28.12 4.86 11.19
CA LYS C 108 -29.26 5.20 12.09
C LYS C 108 -29.78 4.00 12.84
N THR C 109 -29.87 2.85 12.16
CA THR C 109 -30.19 1.60 12.81
C THR C 109 -29.11 1.20 13.84
N PHE C 110 -27.84 1.33 13.47
CA PHE C 110 -26.75 1.04 14.42
C PHE C 110 -26.87 1.90 15.67
N LEU C 111 -27.05 3.20 15.53
CA LEU C 111 -27.10 4.06 16.71
C LEU C 111 -28.34 3.75 17.60
N LYS C 112 -29.47 3.59 16.96
CA LYS C 112 -30.70 3.24 17.66
C LYS C 112 -30.54 1.94 18.44
N GLU C 113 -30.09 0.82 17.85
CA GLU C 113 -29.91 -0.43 18.61
C GLU C 113 -28.91 -0.31 19.80
N ALA C 114 -27.84 0.47 19.63
CA ALA C 114 -26.84 0.75 20.70
C ALA C 114 -27.34 1.79 21.74
N ASN C 115 -28.44 2.45 21.44
CA ASN C 115 -28.97 3.51 22.26
C ASN C 115 -28.01 4.69 22.45
N LEU C 116 -27.33 5.06 21.38
CA LEU C 116 -26.52 6.25 21.38
C LEU C 116 -27.33 7.41 20.83
N THR C 117 -27.69 8.31 21.72
CA THR C 117 -28.51 9.46 21.37
C THR C 117 -27.81 10.81 21.61
N ARG C 118 -26.71 10.86 22.37
CA ARG C 118 -26.08 12.16 22.63
C ARG C 118 -25.29 12.79 21.45
N LEU C 119 -25.01 12.03 20.40
CA LEU C 119 -24.18 12.50 19.29
C LEU C 119 -25.03 13.13 18.23
N GLY C 120 -26.36 12.97 18.33
CA GLY C 120 -27.24 13.41 17.24
C GLY C 120 -26.99 12.43 16.06
N TYR C 121 -27.11 12.94 14.84
CA TYR C 121 -26.80 12.20 13.61
C TYR C 121 -26.20 13.12 12.56
N PHE C 122 -24.99 13.60 12.80
CA PHE C 122 -24.30 14.32 11.73
C PHE C 122 -23.82 13.29 10.68
N ASN C 123 -23.90 13.65 9.40
CA ASN C 123 -23.64 12.70 8.32
C ASN C 123 -23.16 13.40 7.04
N ASP C 124 -22.28 12.72 6.31
CA ASP C 124 -21.88 13.10 4.95
C ASP C 124 -21.93 11.84 4.08
N GLN C 125 -23.01 11.67 3.33
CA GLN C 125 -23.25 10.46 2.56
C GLN C 125 -22.41 10.37 1.29
N LYS C 126 -21.63 11.38 1.01
CA LYS C 126 -20.65 11.34 -0.02
C LYS C 126 -19.25 11.08 0.51
N ALA C 127 -19.03 11.09 1.81
CA ALA C 127 -17.71 10.82 2.38
C ALA C 127 -16.66 11.84 1.90
N LYS C 128 -17.11 13.00 1.50
CA LYS C 128 -16.18 14.03 1.09
C LYS C 128 -15.36 14.58 2.21
N VAL C 129 -15.91 14.63 3.43
CA VAL C 129 -15.12 15.04 4.56
C VAL C 129 -13.86 14.22 4.78
N PHE C 130 -13.88 12.95 4.40
CA PHE C 130 -12.66 12.10 4.47
C PHE C 130 -11.65 12.61 3.48
N GLN C 131 -12.09 12.94 2.26
CA GLN C 131 -11.14 13.48 1.27
C GLN C 131 -10.61 14.82 1.70
N ASP C 132 -11.46 15.66 2.27
CA ASP C 132 -10.94 16.95 2.80
C ASP C 132 -9.83 16.76 3.83
N LEU C 133 -10.03 15.91 4.83
CA LEU C 133 -8.97 15.68 5.80
C LEU C 133 -7.77 14.97 5.20
N LYS C 134 -8.03 14.10 4.23
CA LYS C 134 -6.94 13.43 3.60
C LYS C 134 -6.03 14.41 2.93
N ALA C 135 -6.58 15.43 2.27
CA ALA C 135 -5.76 16.29 1.46
C ALA C 135 -4.76 17.11 2.31
N ILE C 136 -5.08 17.31 3.59
CA ILE C 136 -4.16 17.99 4.51
C ILE C 136 -3.43 17.03 5.38
N GLY C 137 -3.38 15.77 4.99
CA GLY C 137 -2.61 14.80 5.74
C GLY C 137 -3.26 14.30 7.02
N ARG C 138 -4.56 14.43 7.16
CA ARG C 138 -5.16 13.99 8.44
C ARG C 138 -6.20 12.85 8.34
N ALA C 139 -6.13 12.04 7.29
CA ALA C 139 -7.00 10.88 7.15
C ALA C 139 -6.26 9.81 6.36
N LEU C 140 -5.77 8.84 7.11
CA LEU C 140 -5.02 7.75 6.67
C LEU C 140 -5.83 6.45 6.65
N GLY C 141 -6.97 6.42 7.32
CA GLY C 141 -7.74 5.18 7.46
C GLY C 141 -8.94 5.52 8.31
N MET C 142 -9.64 4.52 8.82
CA MET C 142 -10.80 4.78 9.62
C MET C 142 -10.71 4.00 10.92
N PRO C 143 -11.24 4.55 12.01
CA PRO C 143 -11.78 5.92 12.14
C PRO C 143 -10.64 6.89 12.23
N THR C 144 -10.96 8.16 12.11
CA THR C 144 -10.00 9.24 12.34
C THR C 144 -10.66 10.29 13.25
N SER C 145 -9.87 10.91 14.13
CA SER C 145 -10.41 11.95 14.99
C SER C 145 -9.47 13.07 15.13
N VAL C 146 -10.04 14.28 15.13
CA VAL C 146 -9.30 15.48 15.32
C VAL C 146 -9.78 16.30 16.52
N LEU C 147 -8.82 16.67 17.36
CA LEU C 147 -9.14 17.57 18.51
C LEU C 147 -8.89 18.97 18.02
N VAL C 148 -9.96 19.76 17.97
CA VAL C 148 -10.02 21.06 17.35
C VAL C 148 -10.37 22.12 18.41
N ASP C 149 -9.74 23.29 18.31
CA ASP C 149 -9.88 24.34 19.34
C ASP C 149 -11.00 25.33 18.93
N PRO C 150 -11.28 26.35 19.78
CA PRO C 150 -12.50 27.11 19.48
C PRO C 150 -12.39 28.03 18.32
N GLN C 151 -11.21 28.09 17.74
CA GLN C 151 -10.97 28.80 16.51
C GLN C 151 -11.01 27.95 15.26
N GLY C 152 -11.24 26.63 15.37
CA GLY C 152 -11.22 25.76 14.15
C GLY C 152 -9.84 25.24 13.80
N CYS C 153 -8.96 25.21 14.81
CA CYS C 153 -7.57 24.89 14.56
C CYS C 153 -7.22 23.55 15.17
N GLU C 154 -6.27 22.88 14.56
CA GLU C 154 -5.82 21.60 15.09
C GLU C 154 -5.05 21.69 16.38
N ILE C 155 -5.49 20.98 17.39
CA ILE C 155 -4.69 20.67 18.58
C ILE C 155 -3.99 19.31 18.44
N ALA C 156 -4.74 18.30 17.99
CA ALA C 156 -4.15 16.96 17.81
C ALA C 156 -4.97 16.09 16.88
N THR C 157 -4.39 14.98 16.40
CA THR C 157 -5.10 14.09 15.49
C THR C 157 -4.75 12.68 15.90
N ILE C 158 -5.75 11.78 15.92
CA ILE C 158 -5.50 10.34 16.18
C ILE C 158 -5.95 9.54 14.99
N ALA C 159 -5.00 8.80 14.39
CA ALA C 159 -5.32 7.95 13.24
C ALA C 159 -5.65 6.56 13.74
N GLY C 160 -6.82 6.40 14.30
CA GLY C 160 -7.11 5.19 15.02
C GLY C 160 -8.23 5.45 16.00
N PRO C 161 -8.82 4.40 16.50
CA PRO C 161 -9.76 4.51 17.57
C PRO C 161 -9.11 4.62 18.97
N ALA C 162 -9.94 5.02 19.96
CA ALA C 162 -9.49 5.16 21.38
C ALA C 162 -10.69 5.06 22.31
N GLU C 163 -10.42 4.63 23.54
CA GLU C 163 -11.41 4.70 24.62
C GLU C 163 -11.61 6.12 25.06
N TRP C 164 -12.42 6.85 24.28
CA TRP C 164 -12.61 8.25 24.47
C TRP C 164 -13.32 8.72 25.77
N ALA C 165 -13.87 7.81 26.55
CA ALA C 165 -14.43 8.12 27.87
C ALA C 165 -13.61 7.55 29.01
N SER C 166 -12.42 7.05 28.75
CA SER C 166 -11.52 6.65 29.86
C SER C 166 -11.00 7.86 30.66
N GLU C 167 -10.43 7.63 31.84
CA GLU C 167 -9.84 8.70 32.64
C GLU C 167 -8.78 9.44 31.84
N ASP C 168 -7.95 8.69 31.11
CA ASP C 168 -6.86 9.32 30.33
C ASP C 168 -7.47 10.30 29.37
N ALA C 169 -8.55 9.91 28.67
CA ALA C 169 -9.12 10.79 27.65
C ALA C 169 -9.74 12.05 28.29
N LEU C 170 -10.52 11.79 29.34
CA LEU C 170 -11.19 12.90 30.10
C LEU C 170 -10.22 13.93 30.57
N LYS C 171 -9.14 13.47 31.20
CA LYS C 171 -8.11 14.40 31.65
C LYS C 171 -7.56 15.21 30.52
N LEU C 172 -7.33 14.57 29.37
CA LEU C 172 -6.71 15.26 28.27
C LEU C 172 -7.68 16.31 27.75
N ILE C 173 -8.94 15.96 27.70
CA ILE C 173 -9.91 16.92 27.10
C ILE C 173 -10.15 18.10 28.04
N ARG C 174 -10.37 17.81 29.34
CA ARG C 174 -10.46 18.82 30.39
C ARG C 174 -9.27 19.73 30.26
N ALA C 175 -8.07 19.16 30.16
CA ALA C 175 -6.89 20.02 30.05
C ALA C 175 -6.90 20.87 28.80
N ALA C 176 -7.40 20.32 27.72
CA ALA C 176 -7.40 21.09 26.46
C ALA C 176 -8.33 22.33 26.49
N THR C 177 -9.50 22.15 27.09
CA THR C 177 -10.46 23.27 27.30
C THR C 177 -9.92 24.35 28.27
N GLY C 178 -9.31 23.84 29.34
CA GLY C 178 -8.80 24.68 30.41
C GLY C 178 -9.89 25.47 31.11
N LYS C 179 -11.13 24.96 31.14
CA LYS C 179 -12.25 25.69 31.78
C LYS C 179 -13.05 24.83 32.75
N ALA C 180 -13.69 25.48 33.74
CA ALA C 180 -14.36 24.78 34.87
C ALA C 180 -15.44 23.80 34.46
N LEU D 6 28.11 -1.81 5.68
CA LEU D 6 26.61 -1.76 5.85
C LEU D 6 26.21 -1.83 7.31
N ASP D 7 25.70 -0.74 7.86
CA ASP D 7 25.28 -0.84 9.25
C ASP D 7 23.79 -1.11 9.50
N VAL D 8 23.63 -2.21 10.24
CA VAL D 8 22.35 -2.76 10.54
C VAL D 8 21.86 -1.99 11.77
N PRO D 9 20.62 -1.47 11.72
CA PRO D 9 20.19 -0.64 12.83
C PRO D 9 20.19 -1.43 14.11
N LYS D 10 20.49 -0.80 15.22
CA LYS D 10 20.61 -1.55 16.47
C LYS D 10 19.23 -1.63 17.13
N ALA D 11 18.65 -2.80 17.14
CA ALA D 11 17.36 -2.96 17.77
C ALA D 11 17.56 -3.56 19.14
N ASP D 12 16.70 -3.22 20.07
CA ASP D 12 16.72 -3.77 21.40
C ASP D 12 15.92 -5.05 21.40
N LEU D 13 15.04 -5.20 20.42
CA LEU D 13 14.15 -6.33 20.40
C LEU D 13 13.62 -6.56 18.98
N THR D 14 13.39 -7.80 18.59
CA THR D 14 12.67 -8.11 17.33
C THR D 14 11.34 -8.78 17.61
N ILE D 15 10.28 -8.38 16.89
CA ILE D 15 8.99 -9.07 16.92
C ILE D 15 8.62 -9.42 15.47
N LYS D 16 8.25 -10.67 15.22
CA LYS D 16 7.86 -11.06 13.89
C LYS D 16 6.36 -11.27 13.88
N ALA D 17 5.67 -10.48 13.06
CA ALA D 17 4.26 -10.60 12.86
C ALA D 17 3.94 -11.33 11.57
N THR D 18 3.10 -12.35 11.68
CA THR D 18 2.67 -13.17 10.56
C THR D 18 1.18 -13.01 10.36
N GLY D 19 0.80 -12.58 9.17
CA GLY D 19 -0.58 -12.32 8.85
C GLY D 19 -1.23 -13.62 8.47
N LYS D 20 -2.36 -13.89 9.12
CA LYS D 20 -3.17 -15.06 8.87
C LYS D 20 -4.63 -14.69 8.64
N GLN D 21 -5.42 -15.66 8.19
CA GLN D 21 -6.81 -15.42 7.92
C GLN D 21 -7.64 -15.64 9.18
N TRP D 22 -8.12 -14.61 9.87
CA TRP D 22 -7.84 -13.20 9.60
C TRP D 22 -7.42 -12.56 10.93
N TYR D 23 -6.12 -12.65 11.21
CA TYR D 23 -5.57 -12.20 12.50
C TYR D 23 -4.06 -12.13 12.37
N TRP D 24 -3.42 -11.36 13.22
CA TRP D 24 -2.00 -11.34 13.24
C TRP D 24 -1.56 -12.29 14.33
N SER D 25 -0.46 -13.00 14.07
CA SER D 25 0.21 -13.77 15.07
C SER D 25 1.54 -13.12 15.27
N TYR D 26 1.99 -13.06 16.54
CA TYR D 26 3.26 -12.42 16.94
C TYR D 26 4.22 -13.41 17.59
N ALA D 27 5.47 -13.36 17.18
CA ALA D 27 6.53 -14.18 17.73
C ALA D 27 7.54 -13.28 18.34
N TYR D 28 8.12 -13.71 19.46
CA TYR D 28 9.12 -12.92 20.15
C TYR D 28 10.43 -13.73 20.21
N PRO D 29 11.28 -13.64 19.16
CA PRO D 29 12.54 -14.43 19.12
C PRO D 29 13.57 -14.13 20.20
N ASP D 30 13.61 -12.90 20.70
CA ASP D 30 14.59 -12.46 21.68
C ASP D 30 14.11 -12.58 23.13
N ASN D 31 12.87 -12.96 23.34
CA ASN D 31 12.29 -13.07 24.70
C ASN D 31 11.70 -14.39 25.02
N GLY D 32 12.29 -15.45 24.49
CA GLY D 32 11.84 -16.77 24.82
C GLY D 32 11.29 -17.55 23.65
N LYS D 33 11.20 -16.94 22.47
CA LYS D 33 10.64 -17.59 21.30
C LYS D 33 9.24 -18.09 21.41
N PHE D 34 8.39 -17.46 22.19
CA PHE D 34 6.99 -17.81 22.21
C PHE D 34 6.23 -17.07 21.07
N GLU D 35 5.04 -17.54 20.77
CA GLU D 35 4.12 -16.95 19.77
C GLU D 35 2.68 -16.99 20.25
N PHE D 36 1.87 -16.04 19.77
CA PHE D 36 0.47 -16.07 20.07
C PHE D 36 -0.32 -15.44 18.96
N ASP D 37 -1.59 -15.73 18.97
CA ASP D 37 -2.55 -15.17 18.06
C ASP D 37 -3.27 -14.00 18.73
N SER D 38 -3.50 -12.93 17.99
CA SER D 38 -4.12 -11.74 18.50
C SER D 38 -5.51 -11.63 17.90
N LEU D 39 -6.53 -12.02 18.69
CA LEU D 39 -7.92 -12.19 18.19
C LEU D 39 -8.90 -11.20 18.80
N MET D 40 -9.92 -10.80 18.03
CA MET D 40 -11.04 -10.04 18.63
C MET D 40 -11.79 -10.86 19.68
N LEU D 48 -14.85 -1.92 25.07
CA LEU D 48 -15.18 -2.67 23.84
C LEU D 48 -14.08 -2.65 22.72
N LEU D 49 -13.13 -1.75 22.81
CA LEU D 49 -12.03 -1.85 21.89
C LEU D 49 -11.10 -2.97 22.29
N GLY D 50 -10.63 -3.75 21.34
CA GLY D 50 -9.46 -4.57 21.64
C GLY D 50 -9.57 -6.05 21.39
N VAL D 51 -8.50 -6.72 21.81
CA VAL D 51 -8.28 -8.13 21.52
C VAL D 51 -7.85 -8.82 22.79
N ASP D 52 -7.90 -10.14 22.78
CA ASP D 52 -7.38 -10.96 23.89
C ASP D 52 -5.90 -10.73 24.18
N ASN D 53 -5.09 -10.88 23.15
CA ASN D 53 -3.64 -10.86 23.30
C ASN D 53 -3.04 -9.77 22.39
N GLU D 54 -2.62 -8.68 23.00
CA GLU D 54 -2.02 -7.56 22.29
C GLU D 54 -0.55 -7.78 22.20
N MET D 55 0.06 -7.11 21.24
CA MET D 55 1.48 -7.09 21.06
C MET D 55 2.02 -6.07 22.05
N VAL D 56 2.87 -6.51 22.96
CA VAL D 56 3.39 -5.58 23.96
C VAL D 56 4.86 -5.34 23.79
N VAL D 57 5.23 -4.08 23.97
CA VAL D 57 6.56 -3.62 23.75
C VAL D 57 6.91 -2.64 24.83
N PRO D 58 8.20 -2.51 25.08
CA PRO D 58 8.66 -1.54 26.07
C PRO D 58 8.88 -0.20 25.43
N VAL D 59 8.59 0.82 26.19
CA VAL D 59 8.80 2.18 25.78
C VAL D 59 10.28 2.52 25.63
N ASN D 60 10.53 3.51 24.80
CA ASN D 60 11.88 4.03 24.51
C ASN D 60 12.93 2.99 24.10
N LYS D 61 12.50 2.00 23.37
CA LYS D 61 13.41 1.04 22.81
C LYS D 61 13.14 0.90 21.33
N VAL D 62 14.22 0.66 20.59
CA VAL D 62 14.13 0.38 19.19
C VAL D 62 13.60 -1.02 18.99
N ILE D 63 12.41 -1.08 18.42
CA ILE D 63 11.73 -2.33 18.05
C ILE D 63 11.84 -2.58 16.55
N ARG D 64 12.39 -3.73 16.16
CA ARG D 64 12.42 -4.13 14.76
C ARG D 64 11.22 -5.01 14.61
N VAL D 65 10.35 -4.65 13.70
CA VAL D 65 9.21 -5.47 13.44
C VAL D 65 9.38 -6.07 12.10
N GLN D 66 9.29 -7.40 12.03
CA GLN D 66 9.29 -8.09 10.75
C GLN D 66 7.89 -8.60 10.44
N VAL D 67 7.52 -8.53 9.15
CA VAL D 67 6.20 -8.97 8.75
C VAL D 67 6.30 -9.95 7.61
N THR D 68 5.45 -10.98 7.64
CA THR D 68 5.15 -11.81 6.46
C THR D 68 3.72 -12.34 6.50
N GLY D 69 3.23 -12.79 5.36
CA GLY D 69 1.89 -13.36 5.26
C GLY D 69 1.86 -14.89 5.12
N ALA D 70 0.79 -15.50 5.63
CA ALA D 70 0.47 -16.90 5.41
C ALA D 70 -0.95 -16.97 4.84
N ASP D 71 -1.02 -17.19 3.55
CA ASP D 71 -2.33 -17.16 2.91
C ASP D 71 -3.04 -15.81 3.00
N VAL D 72 -2.28 -14.74 3.29
CA VAL D 72 -2.85 -13.38 3.18
C VAL D 72 -1.84 -12.37 2.68
N ILE D 73 -2.37 -11.35 2.05
CA ILE D 73 -1.59 -10.18 1.63
C ILE D 73 -2.26 -9.08 2.38
N HIS D 74 -1.53 -8.37 3.23
CA HIS D 74 -2.16 -7.28 3.99
C HIS D 74 -1.14 -6.34 4.63
N ALA D 75 -1.51 -5.09 4.81
CA ALA D 75 -0.63 -4.12 5.39
C ALA D 75 -0.63 -4.16 6.91
N PHE D 76 0.55 -4.15 7.52
CA PHE D 76 0.70 -3.94 8.93
C PHE D 76 1.03 -2.42 9.11
N ALA D 77 0.04 -1.70 9.64
CA ALA D 77 0.08 -0.23 9.75
C ALA D 77 -0.23 0.31 11.14
N LEU D 78 0.67 1.17 11.65
CA LEU D 78 0.41 1.94 12.87
C LEU D 78 0.96 3.36 12.75
N PRO D 79 0.11 4.26 12.29
CA PRO D 79 0.62 5.61 11.96
C PRO D 79 1.37 6.33 13.07
N ALA D 80 0.93 6.21 14.31
CA ALA D 80 1.57 6.86 15.45
C ALA D 80 3.01 6.41 15.62
N PHE D 81 3.37 5.22 15.12
CA PHE D 81 4.78 4.79 15.13
C PHE D 81 5.47 4.95 13.81
N GLY D 82 4.79 5.54 12.83
CA GLY D 82 5.38 5.63 11.48
C GLY D 82 5.50 4.27 10.76
N VAL D 83 4.80 3.24 11.21
CA VAL D 83 4.91 1.89 10.66
C VAL D 83 3.91 1.68 9.58
N LYS D 84 4.38 1.26 8.44
CA LYS D 84 3.49 0.83 7.34
C LYS D 84 4.21 -0.13 6.42
N ILE D 85 4.02 -1.45 6.62
CA ILE D 85 4.80 -2.44 5.87
C ILE D 85 3.90 -3.58 5.42
N ASP D 86 4.23 -4.17 4.27
CA ASP D 86 3.35 -5.21 3.73
C ASP D 86 3.65 -6.62 4.20
N ALA D 87 2.59 -7.35 4.58
CA ALA D 87 2.68 -8.80 4.77
C ALA D 87 2.29 -9.59 3.49
N ILE D 88 3.29 -10.30 2.92
CA ILE D 88 3.24 -10.97 1.62
C ILE D 88 3.77 -12.38 1.91
N PRO D 89 3.11 -13.41 1.40
CA PRO D 89 3.71 -14.73 1.53
C PRO D 89 5.01 -14.86 0.81
N GLY D 90 6.00 -15.38 1.53
CA GLY D 90 7.33 -15.72 1.03
C GLY D 90 8.31 -14.60 1.03
N ARG D 91 7.92 -13.47 1.61
CA ARG D 91 8.74 -12.27 1.68
C ARG D 91 8.77 -11.72 3.14
N LEU D 92 9.91 -11.22 3.53
CA LEU D 92 10.06 -10.62 4.84
C LEU D 92 10.34 -9.18 4.68
N ASN D 93 9.39 -8.38 5.12
CA ASN D 93 9.55 -6.95 5.11
C ASN D 93 9.76 -6.53 6.55
N GLU D 94 10.58 -5.51 6.74
CA GLU D 94 10.81 -5.04 8.09
C GLU D 94 10.97 -3.57 8.21
N THR D 95 10.74 -3.11 9.42
CA THR D 95 11.04 -1.72 9.80
C THR D 95 11.33 -1.63 11.28
N TRP D 96 11.59 -0.40 11.72
CA TRP D 96 12.02 -0.08 13.07
C TRP D 96 11.18 1.08 13.57
N PHE D 97 10.79 1.01 14.82
CA PHE D 97 10.18 2.12 15.50
C PHE D 97 10.58 2.16 16.96
N LYS D 98 10.28 3.27 17.58
CA LYS D 98 10.52 3.45 18.99
C LYS D 98 9.41 4.25 19.59
N ALA D 99 8.78 3.72 20.62
CA ALA D 99 7.63 4.38 21.19
C ALA D 99 8.11 5.39 22.23
N ALA D 100 7.59 6.63 22.15
CA ALA D 100 7.98 7.65 23.09
C ALA D 100 7.04 7.67 24.28
N LYS D 101 5.84 7.14 24.16
CA LYS D 101 4.86 7.16 25.26
C LYS D 101 4.32 5.80 25.52
N THR D 102 3.93 5.56 26.76
CA THR D 102 3.22 4.38 27.16
C THR D 102 1.74 4.50 26.89
N GLY D 103 1.13 3.34 26.67
CA GLY D 103 -0.31 3.24 26.43
C GLY D 103 -0.70 2.32 25.31
N MET D 104 -1.92 2.52 24.80
CA MET D 104 -2.55 1.63 23.81
C MET D 104 -2.59 2.32 22.47
N PHE D 105 -2.42 1.51 21.43
CA PHE D 105 -2.29 1.97 20.10
C PHE D 105 -3.03 0.91 19.27
N TYR D 106 -4.09 1.35 18.63
CA TYR D 106 -4.96 0.50 17.83
C TYR D 106 -4.87 0.82 16.32
N GLY D 107 -5.04 -0.20 15.47
CA GLY D 107 -4.95 -0.01 14.04
C GLY D 107 -6.23 0.57 13.44
N GLN D 108 -6.13 1.05 12.19
CA GLN D 108 -7.27 1.53 11.42
C GLN D 108 -7.76 0.47 10.42
N CYS D 109 -8.99 0.60 9.94
CA CYS D 109 -9.44 -0.07 8.71
C CYS D 109 -8.84 0.71 7.58
N SER D 110 -8.47 -0.01 6.57
CA SER D 110 -7.88 0.55 5.37
C SER D 110 -8.82 1.50 4.63
N GLU D 111 -8.26 2.58 4.10
CA GLU D 111 -9.05 3.45 3.24
C GLU D 111 -9.52 2.70 1.99
N LEU D 112 -8.94 1.54 1.72
CA LEU D 112 -9.44 0.68 0.62
C LEU D 112 -10.35 -0.45 1.09
N SER D 113 -11.00 -0.29 2.24
CA SER D 113 -11.85 -1.35 2.74
C SER D 113 -12.98 -1.56 1.74
N GLY D 114 -13.35 -2.83 1.52
CA GLY D 114 -14.53 -3.22 0.70
C GLY D 114 -15.00 -4.58 1.17
N LYS D 115 -15.96 -5.19 0.47
CA LYS D 115 -16.39 -6.59 0.82
C LYS D 115 -15.26 -7.65 0.69
N ASP D 116 -14.43 -7.55 -0.37
CA ASP D 116 -13.24 -8.44 -0.55
C ASP D 116 -11.97 -8.00 0.22
N HIS D 117 -12.14 -7.43 1.40
CA HIS D 117 -11.01 -7.01 2.21
C HIS D 117 -11.40 -7.35 3.63
N ALA D 118 -10.61 -8.21 4.26
CA ALA D 118 -10.83 -8.60 5.65
C ALA D 118 -10.20 -7.56 6.58
N PHE D 119 -10.84 -7.33 7.73
CA PHE D 119 -10.26 -6.50 8.77
C PHE D 119 -9.42 -7.39 9.66
N MET D 120 -8.18 -6.98 9.93
CA MET D 120 -7.32 -7.68 10.89
C MET D 120 -6.88 -6.71 11.99
N PRO D 121 -7.29 -6.94 13.22
CA PRO D 121 -7.05 -5.93 14.24
C PRO D 121 -5.61 -5.90 14.74
N ILE D 122 -5.10 -4.70 14.89
CA ILE D 122 -3.77 -4.46 15.43
C ILE D 122 -3.93 -3.79 16.79
N ALA D 123 -3.34 -4.36 17.84
CA ALA D 123 -3.37 -3.69 19.15
C ALA D 123 -2.00 -3.85 19.78
N ILE D 124 -1.35 -2.72 20.00
CA ILE D 124 -0.02 -2.66 20.57
C ILE D 124 -0.14 -1.91 21.91
N ARG D 125 0.44 -2.52 22.93
CA ARG D 125 0.51 -1.88 24.27
C ARG D 125 1.97 -1.61 24.60
N VAL D 126 2.28 -0.34 24.87
CA VAL D 126 3.61 0.12 25.20
C VAL D 126 3.61 0.34 26.72
N VAL D 127 4.56 -0.31 27.40
CA VAL D 127 4.65 -0.37 28.85
C VAL D 127 6.07 -0.06 29.27
N GLU D 128 6.24 0.13 30.59
CA GLU D 128 7.59 0.40 31.16
C GLU D 128 8.39 -0.88 31.20
N ASP D 129 9.71 -0.78 31.33
CA ASP D 129 10.61 -1.96 31.41
C ASP D 129 10.13 -3.02 32.43
N LYS D 130 9.64 -2.54 33.56
CA LYS D 130 9.25 -3.42 34.60
C LYS D 130 8.10 -4.26 34.12
N GLU D 131 7.02 -3.60 33.67
CA GLU D 131 5.82 -4.34 33.19
C GLU D 131 6.21 -5.23 32.05
N PHE D 132 7.16 -4.80 31.23
CA PHE D 132 7.51 -5.62 30.06
C PHE D 132 8.12 -6.94 30.54
N ALA D 133 9.09 -6.85 31.46
CA ALA D 133 9.80 -8.04 31.93
C ALA D 133 8.87 -9.01 32.57
N SER D 134 7.91 -8.46 33.26
CA SER D 134 6.93 -9.23 33.94
C SER D 134 5.88 -9.87 32.98
N TRP D 135 5.42 -9.11 31.98
CA TRP D 135 4.60 -9.68 30.89
C TRP D 135 5.32 -10.83 30.17
N VAL D 136 6.61 -10.66 29.94
CA VAL D 136 7.43 -11.67 29.29
C VAL D 136 7.39 -12.98 30.12
N GLU D 137 7.48 -12.86 31.44
CA GLU D 137 7.45 -14.06 32.27
C GLU D 137 6.09 -14.73 32.23
N THR D 138 5.00 -13.97 32.35
CA THR D 138 3.68 -14.57 32.10
C THR D 138 3.55 -15.19 30.71
N ALA D 139 4.09 -14.50 29.69
CA ALA D 139 3.92 -14.97 28.32
C ALA D 139 4.53 -16.35 28.13
N LYS D 140 5.67 -16.60 28.75
CA LYS D 140 6.32 -17.89 28.59
C LYS D 140 5.52 -19.08 29.10
N LYS D 141 4.57 -18.85 30.01
CA LYS D 141 3.61 -19.90 30.35
C LYS D 141 2.33 -19.78 29.54
N LYS D 142 1.88 -18.55 29.34
CA LYS D 142 0.62 -18.39 28.68
C LYS D 142 0.68 -18.78 27.19
N PHE D 143 1.83 -18.62 26.54
CA PHE D 143 1.93 -18.68 25.06
C PHE D 143 2.92 -19.75 24.63
N ALA D 144 3.35 -20.55 25.61
CA ALA D 144 4.29 -21.61 25.38
C ALA D 144 3.83 -22.59 24.32
N SER D 145 2.57 -22.59 23.90
CA SER D 145 2.25 -23.46 22.77
C SER D 145 1.56 -22.73 21.63
#